data_1HNG
#
_entry.id   1HNG
#
_cell.length_a   111.400
_cell.length_b   111.400
_cell.length_c   86.900
_cell.angle_alpha   90.00
_cell.angle_beta   90.00
_cell.angle_gamma   90.00
#
_symmetry.space_group_name_H-M   'P 41 21 2'
#
_entity_poly.entity_id   1
_entity_poly.type   'polypeptide(L)'
_entity_poly.pdbx_seq_one_letter_code
;RDSGTVWGALGHGINLNIPNFQMTDDIDEVRWERGSTLVAEFKRKMKPFLKSGAFEILANGDLKIKNLTRDDSGTYNVTV
YSTNGTRILNKALDLRILEMVSKPMIYWECSNATLTCEVLEGTDVELKLYQGKEHLRSLRQKTMSYQWTNLRAPFKCKAV
NRVSQESEMEVVNCPE
;
_entity_poly.pdbx_strand_id   A,B
#
# COMPACT_ATOMS: atom_id res chain seq x y z
N ASP A 2 -12.36 -8.72 28.56
CA ASP A 2 -11.47 -7.52 28.60
C ASP A 2 -11.33 -7.17 27.09
N SER A 3 -10.92 -5.96 26.69
CA SER A 3 -10.82 -5.52 25.28
C SER A 3 -9.61 -4.63 24.96
N GLY A 4 -9.19 -4.53 23.69
CA GLY A 4 -8.07 -3.67 23.27
C GLY A 4 -8.38 -3.04 21.93
N THR A 5 -7.51 -2.19 21.43
CA THR A 5 -7.68 -1.60 20.12
C THR A 5 -6.49 -2.02 19.27
N VAL A 6 -6.74 -2.22 17.98
CA VAL A 6 -5.75 -2.65 17.01
C VAL A 6 -6.01 -1.76 15.81
N TRP A 7 -4.91 -1.43 15.15
CA TRP A 7 -4.97 -0.50 14.04
C TRP A 7 -4.41 -1.20 12.83
N GLY A 8 -5.06 -1.12 11.68
CA GLY A 8 -4.55 -1.77 10.49
C GLY A 8 -4.57 -0.83 9.30
N ALA A 9 -3.76 -1.03 8.27
CA ALA A 9 -3.73 -0.13 7.13
C ALA A 9 -4.55 -0.77 6.01
N LEU A 10 -5.38 0.01 5.34
CA LEU A 10 -6.22 -0.46 4.25
C LEU A 10 -5.34 -1.09 3.16
N GLY A 11 -5.87 -2.17 2.64
CA GLY A 11 -5.15 -2.93 1.65
C GLY A 11 -3.93 -3.60 2.25
N HIS A 12 -3.69 -3.66 3.56
CA HIS A 12 -2.60 -4.47 4.09
C HIS A 12 -3.16 -5.59 4.95
N GLY A 13 -2.30 -6.52 5.37
CA GLY A 13 -2.78 -7.60 6.22
C GLY A 13 -2.65 -7.23 7.68
N ILE A 14 -3.22 -7.99 8.60
CA ILE A 14 -3.12 -7.71 10.02
C ILE A 14 -3.30 -9.06 10.70
N ASN A 15 -2.61 -9.23 11.83
CA ASN A 15 -2.76 -10.43 12.64
C ASN A 15 -3.38 -10.00 13.94
N LEU A 16 -4.50 -10.56 14.35
CA LEU A 16 -5.16 -10.21 15.60
C LEU A 16 -4.69 -11.30 16.51
N ASN A 17 -3.79 -10.98 17.42
CA ASN A 17 -3.38 -12.01 18.36
C ASN A 17 -4.13 -11.94 19.65
N ILE A 18 -4.34 -13.14 20.16
CA ILE A 18 -5.09 -13.42 21.40
C ILE A 18 -4.14 -13.00 22.51
N PRO A 19 -4.49 -12.03 23.37
CA PRO A 19 -3.60 -11.54 24.41
C PRO A 19 -3.33 -12.59 25.46
N ASN A 20 -2.05 -12.67 25.85
CA ASN A 20 -1.50 -13.55 26.90
C ASN A 20 -2.17 -14.91 26.96
N PHE A 21 -1.92 -15.64 25.90
CA PHE A 21 -2.46 -16.97 25.68
C PHE A 21 -1.34 -17.75 25.01
N GLN A 22 -1.30 -19.05 25.26
CA GLN A 22 -0.34 -19.94 24.65
C GLN A 22 -1.15 -21.18 24.36
N MET A 23 -0.99 -21.72 23.16
CA MET A 23 -1.74 -22.86 22.66
C MET A 23 -1.10 -24.13 23.20
N THR A 24 -1.84 -25.07 23.75
CA THR A 24 -1.32 -26.32 24.29
C THR A 24 -2.31 -27.35 23.84
N ASP A 25 -2.00 -28.62 23.90
CA ASP A 25 -2.90 -29.70 23.57
C ASP A 25 -4.13 -29.71 24.45
N ASP A 26 -4.15 -28.98 25.54
CA ASP A 26 -5.34 -28.90 26.38
C ASP A 26 -6.38 -27.92 25.85
N ILE A 27 -6.14 -27.25 24.74
CA ILE A 27 -7.05 -26.30 24.15
C ILE A 27 -7.87 -27.05 23.12
N ASP A 28 -9.19 -27.06 23.19
CA ASP A 28 -9.93 -27.76 22.19
C ASP A 28 -10.38 -26.83 21.08
N GLU A 29 -10.66 -25.59 21.39
CA GLU A 29 -11.29 -24.74 20.41
C GLU A 29 -10.97 -23.29 20.62
N VAL A 30 -10.97 -22.51 19.55
CA VAL A 30 -10.83 -21.06 19.58
C VAL A 30 -11.69 -20.58 18.43
N ARG A 31 -12.53 -19.65 18.75
CA ARG A 31 -13.45 -19.11 17.77
C ARG A 31 -13.38 -17.60 17.77
N TRP A 32 -13.48 -17.08 16.55
CA TRP A 32 -13.40 -15.68 16.27
C TRP A 32 -14.71 -15.26 15.63
N GLU A 33 -15.36 -14.27 16.20
CA GLU A 33 -16.62 -13.78 15.65
C GLU A 33 -16.64 -12.29 15.46
N ARG A 34 -17.38 -11.86 14.46
CA ARG A 34 -17.54 -10.45 14.10
C ARG A 34 -19.05 -10.41 13.91
N GLY A 35 -19.70 -9.60 14.74
CA GLY A 35 -21.16 -9.44 14.68
C GLY A 35 -21.81 -10.75 15.00
N SER A 36 -22.59 -11.25 14.04
CA SER A 36 -23.31 -12.51 14.15
C SER A 36 -22.72 -13.57 13.23
N THR A 37 -21.43 -13.51 12.98
CA THR A 37 -20.76 -14.46 12.12
C THR A 37 -19.51 -14.96 12.80
N LEU A 38 -19.32 -16.20 12.59
CA LEU A 38 -18.16 -16.93 13.07
C LEU A 38 -17.25 -16.66 11.90
N VAL A 39 -16.15 -15.93 12.08
CA VAL A 39 -15.22 -15.62 10.99
C VAL A 39 -14.24 -16.76 10.80
N ALA A 40 -13.82 -17.37 11.89
CA ALA A 40 -12.91 -18.50 11.80
C ALA A 40 -13.05 -19.27 13.10
N GLU A 41 -12.82 -20.56 12.99
CA GLU A 41 -12.83 -21.43 14.14
C GLU A 41 -11.82 -22.55 13.95
N PHE A 42 -10.99 -22.80 14.98
CA PHE A 42 -10.05 -23.92 15.07
C PHE A 42 -10.70 -24.88 16.06
N LYS A 43 -10.81 -26.16 15.77
CA LYS A 43 -11.34 -27.11 16.73
C LYS A 43 -10.45 -28.32 16.60
N ARG A 44 -10.09 -28.94 17.70
CA ARG A 44 -9.08 -29.97 17.75
C ARG A 44 -9.11 -31.14 16.78
N LYS A 45 -9.95 -32.15 16.68
CA LYS A 45 -9.65 -33.17 15.67
C LYS A 45 -10.42 -32.84 14.41
N MET A 46 -10.25 -31.65 13.86
CA MET A 46 -11.06 -31.26 12.74
C MET A 46 -10.34 -30.32 11.81
N LYS A 47 -10.96 -29.98 10.69
CA LYS A 47 -10.33 -29.04 9.79
C LYS A 47 -10.98 -27.68 10.07
N PRO A 48 -10.18 -26.61 10.05
CA PRO A 48 -10.62 -25.23 10.20
C PRO A 48 -11.81 -24.73 9.41
N PHE A 49 -12.54 -23.87 10.05
CA PHE A 49 -13.64 -23.22 9.42
C PHE A 49 -13.09 -21.82 9.24
N LEU A 50 -13.11 -21.30 8.02
CA LEU A 50 -12.77 -19.92 7.72
C LEU A 50 -13.99 -19.41 6.96
N LYS A 51 -14.58 -18.25 7.23
CA LYS A 51 -15.73 -17.75 6.50
C LYS A 51 -15.49 -17.62 4.99
N SER A 52 -14.32 -17.21 4.56
CA SER A 52 -14.02 -17.02 3.15
C SER A 52 -12.51 -17.11 3.02
N GLY A 53 -11.94 -16.77 1.86
CA GLY A 53 -10.50 -16.79 1.67
C GLY A 53 -9.76 -15.63 2.30
N ALA A 54 -10.46 -14.65 2.87
CA ALA A 54 -9.84 -13.47 3.47
C ALA A 54 -9.11 -13.67 4.77
N PHE A 55 -9.41 -14.79 5.39
CA PHE A 55 -8.97 -15.05 6.74
C PHE A 55 -8.19 -16.33 6.73
N GLU A 56 -7.37 -16.48 7.73
CA GLU A 56 -6.58 -17.66 7.90
C GLU A 56 -6.41 -17.69 9.41
N ILE A 57 -6.43 -18.87 10.00
CA ILE A 57 -6.31 -18.99 11.43
C ILE A 57 -4.91 -19.59 11.58
N LEU A 58 -4.08 -18.95 12.36
CA LEU A 58 -2.71 -19.37 12.53
C LEU A 58 -2.55 -20.45 13.58
N ALA A 59 -1.37 -21.06 13.58
CA ALA A 59 -1.01 -22.13 14.50
C ALA A 59 -1.34 -21.89 15.97
N ASN A 60 -1.25 -20.66 16.44
CA ASN A 60 -1.42 -20.34 17.85
C ASN A 60 -2.78 -19.75 18.12
N GLY A 61 -3.64 -19.88 17.13
CA GLY A 61 -4.97 -19.35 17.21
C GLY A 61 -5.14 -17.90 16.78
N ASP A 62 -4.13 -17.21 16.28
CA ASP A 62 -4.30 -15.82 15.89
C ASP A 62 -5.08 -15.70 14.60
N LEU A 63 -5.86 -14.65 14.46
CA LEU A 63 -6.64 -14.45 13.24
C LEU A 63 -5.77 -13.67 12.31
N LYS A 64 -5.56 -14.13 11.10
CA LYS A 64 -4.81 -13.36 10.12
C LYS A 64 -5.81 -12.87 9.08
N ILE A 65 -5.97 -11.57 8.88
CA ILE A 65 -6.86 -11.04 7.83
C ILE A 65 -5.88 -10.55 6.77
N LYS A 66 -5.97 -11.14 5.59
CA LYS A 66 -4.99 -10.95 4.53
C LYS A 66 -4.90 -9.58 3.88
N ASN A 67 -6.03 -8.96 3.56
CA ASN A 67 -6.06 -7.68 2.84
C ASN A 67 -7.28 -6.91 3.35
N LEU A 68 -6.99 -6.03 4.27
CA LEU A 68 -7.97 -5.21 4.93
C LEU A 68 -8.81 -4.38 3.98
N THR A 69 -10.06 -4.25 4.32
CA THR A 69 -11.05 -3.63 3.48
C THR A 69 -11.80 -2.81 4.47
N ARG A 70 -12.22 -1.60 4.09
CA ARG A 70 -13.06 -0.74 4.92
C ARG A 70 -14.17 -1.48 5.64
N ASP A 71 -14.70 -2.57 5.08
CA ASP A 71 -15.72 -3.36 5.76
C ASP A 71 -15.25 -4.36 6.83
N ASP A 72 -13.96 -4.47 7.06
CA ASP A 72 -13.44 -5.46 8.00
C ASP A 72 -13.29 -4.88 9.38
N SER A 73 -13.62 -3.60 9.61
CA SER A 73 -13.36 -3.01 10.91
C SER A 73 -14.49 -3.33 11.87
N GLY A 74 -14.30 -3.22 13.17
CA GLY A 74 -15.34 -3.58 14.08
C GLY A 74 -14.79 -4.42 15.20
N THR A 75 -15.67 -4.76 16.11
CA THR A 75 -15.34 -5.60 17.24
C THR A 75 -15.36 -7.05 16.84
N TYR A 76 -14.24 -7.66 17.15
CA TYR A 76 -13.99 -9.06 16.94
C TYR A 76 -14.02 -9.71 18.33
N ASN A 77 -14.50 -10.93 18.48
CA ASN A 77 -14.55 -11.62 19.77
C ASN A 77 -13.76 -12.89 19.73
N VAL A 78 -12.89 -13.19 20.69
CA VAL A 78 -12.20 -14.47 20.77
C VAL A 78 -12.69 -15.18 22.04
N THR A 79 -12.92 -16.46 21.89
CA THR A 79 -13.32 -17.32 22.97
C THR A 79 -12.58 -18.60 22.72
N VAL A 80 -11.89 -19.10 23.71
CA VAL A 80 -11.15 -20.35 23.57
C VAL A 80 -11.57 -21.28 24.73
N TYR A 81 -11.62 -22.56 24.44
CA TYR A 81 -12.14 -23.60 25.33
C TYR A 81 -11.18 -24.77 25.45
N SER A 82 -11.06 -25.27 26.68
CA SER A 82 -10.25 -26.46 26.95
C SER A 82 -10.90 -27.75 26.55
N THR A 83 -10.21 -28.87 26.59
CA THR A 83 -10.79 -30.14 26.18
C THR A 83 -11.95 -30.59 27.05
N ASN A 84 -11.92 -30.20 28.33
CA ASN A 84 -13.01 -30.46 29.30
C ASN A 84 -14.09 -29.37 29.25
N GLY A 85 -14.26 -28.60 28.18
CA GLY A 85 -15.33 -27.62 28.03
C GLY A 85 -15.35 -26.37 28.89
N THR A 86 -14.23 -25.90 29.40
CA THR A 86 -14.19 -24.70 30.23
C THR A 86 -13.90 -23.54 29.29
N ARG A 87 -14.58 -22.42 29.41
CA ARG A 87 -14.28 -21.27 28.59
C ARG A 87 -13.09 -20.55 29.27
N ILE A 88 -11.90 -20.90 28.77
CA ILE A 88 -10.63 -20.36 29.26
C ILE A 88 -10.60 -18.83 29.19
N LEU A 89 -11.09 -18.28 28.09
CA LEU A 89 -10.95 -16.86 27.84
C LEU A 89 -12.01 -16.38 26.87
N ASN A 90 -12.36 -15.13 27.06
CA ASN A 90 -13.27 -14.44 26.20
C ASN A 90 -12.78 -13.02 26.16
N LYS A 91 -12.19 -12.60 25.07
CA LYS A 91 -11.66 -11.26 24.93
C LYS A 91 -12.24 -10.61 23.68
N ALA A 92 -12.31 -9.29 23.67
CA ALA A 92 -12.88 -8.48 22.59
C ALA A 92 -11.83 -7.54 21.95
N LEU A 93 -11.69 -7.30 20.63
CA LEU A 93 -10.67 -6.40 20.09
C LEU A 93 -11.29 -5.46 19.08
N ASP A 94 -10.89 -4.22 19.08
CA ASP A 94 -11.43 -3.23 18.18
C ASP A 94 -10.49 -3.09 17.00
N LEU A 95 -10.91 -3.49 15.80
CA LEU A 95 -10.08 -3.33 14.61
C LEU A 95 -10.46 -2.02 14.01
N ARG A 96 -9.51 -1.09 13.98
CA ARG A 96 -9.75 0.22 13.37
C ARG A 96 -8.80 0.27 12.15
N ILE A 97 -9.30 0.48 10.93
CA ILE A 97 -8.39 0.44 9.77
C ILE A 97 -8.24 1.87 9.22
N LEU A 98 -7.04 2.28 8.87
CA LEU A 98 -6.70 3.64 8.43
C LEU A 98 -6.03 3.58 7.08
N GLU A 99 -5.93 4.75 6.45
CA GLU A 99 -5.18 4.86 5.21
C GLU A 99 -3.89 5.54 5.56
N MET A 100 -2.92 5.00 4.87
CA MET A 100 -1.55 5.42 5.06
C MET A 100 -1.41 6.79 4.42
N VAL A 101 -0.52 7.47 5.10
CA VAL A 101 -0.16 8.83 4.82
C VAL A 101 0.67 8.90 3.53
N SER A 102 0.61 9.99 2.78
CA SER A 102 1.54 10.17 1.65
C SER A 102 2.62 11.18 2.09
N LYS A 103 3.64 11.48 1.29
CA LYS A 103 4.71 12.44 1.63
C LYS A 103 4.17 13.87 1.59
N PRO A 104 4.44 14.71 2.60
CA PRO A 104 3.92 16.08 2.66
C PRO A 104 4.55 16.94 1.59
N MET A 105 3.84 17.97 1.16
CA MET A 105 4.34 18.97 0.22
C MET A 105 4.42 20.25 1.03
N ILE A 106 5.53 20.98 0.93
CA ILE A 106 5.72 22.23 1.64
C ILE A 106 5.83 23.31 0.59
N TYR A 107 5.07 24.40 0.66
CA TYR A 107 5.25 25.53 -0.25
C TYR A 107 5.06 26.78 0.59
N TRP A 108 5.47 27.96 0.15
CA TRP A 108 5.53 29.12 1.06
C TRP A 108 5.24 30.43 0.37
N GLU A 109 4.72 31.50 0.93
CA GLU A 109 4.39 32.72 0.21
C GLU A 109 5.13 33.82 0.94
N CYS A 110 6.03 34.48 0.23
CA CYS A 110 6.89 35.46 0.86
C CYS A 110 6.12 36.70 1.27
N SER A 111 5.22 37.29 0.50
CA SER A 111 4.46 38.48 0.91
C SER A 111 3.91 38.41 2.34
N ASN A 112 3.07 37.44 2.66
CA ASN A 112 2.53 37.37 4.02
C ASN A 112 3.38 36.44 4.85
N ALA A 113 4.62 36.17 4.47
CA ALA A 113 5.52 35.26 5.19
C ALA A 113 4.85 34.00 5.78
N THR A 114 4.11 33.31 4.91
CA THR A 114 3.31 32.17 5.34
C THR A 114 3.77 30.88 4.72
N LEU A 115 4.01 29.82 5.46
CA LEU A 115 4.43 28.53 4.93
C LEU A 115 3.20 27.64 5.09
N THR A 116 3.00 26.64 4.24
CA THR A 116 1.83 25.75 4.25
C THR A 116 2.38 24.35 4.04
N CYS A 117 2.00 23.42 4.88
CA CYS A 117 2.37 22.03 4.71
C CYS A 117 1.06 21.32 4.40
N GLU A 118 1.03 20.40 3.45
CA GLU A 118 -0.20 19.79 2.99
C GLU A 118 0.09 18.35 2.62
N VAL A 119 -0.84 17.41 2.86
CA VAL A 119 -0.62 15.99 2.51
C VAL A 119 -1.90 15.49 1.83
N LEU A 120 -1.66 14.73 0.76
CA LEU A 120 -2.73 14.26 -0.10
C LEU A 120 -3.47 13.03 0.39
N GLU A 121 -2.76 12.04 0.92
CA GLU A 121 -3.34 10.77 1.33
C GLU A 121 -3.25 10.65 2.82
N GLY A 122 -4.19 9.88 3.36
CA GLY A 122 -4.21 9.62 4.78
C GLY A 122 -5.55 9.86 5.43
N THR A 123 -5.64 9.38 6.64
CA THR A 123 -6.86 9.32 7.42
C THR A 123 -6.38 9.45 8.83
N ASP A 124 -7.11 10.22 9.60
CA ASP A 124 -6.77 10.53 11.00
C ASP A 124 -5.31 11.05 11.07
N VAL A 125 -5.09 12.02 10.19
CA VAL A 125 -3.74 12.56 10.01
C VAL A 125 -3.44 13.69 10.98
N GLU A 126 -2.21 13.72 11.42
CA GLU A 126 -1.74 14.83 12.18
C GLU A 126 -0.47 15.31 11.44
N LEU A 127 -0.43 16.62 11.29
CA LEU A 127 0.65 17.32 10.60
C LEU A 127 1.39 17.98 11.74
N LYS A 128 2.72 17.85 11.68
CA LYS A 128 3.63 18.36 12.69
C LYS A 128 4.71 19.22 12.03
N LEU A 129 4.89 20.50 12.38
CA LEU A 129 5.86 21.40 11.76
C LEU A 129 7.02 21.69 12.68
N TYR A 130 8.22 21.64 12.17
CA TYR A 130 9.43 21.87 12.95
C TYR A 130 10.37 22.74 12.12
N GLN A 131 11.09 23.65 12.77
CA GLN A 131 12.13 24.43 12.08
C GLN A 131 13.36 24.22 12.95
N GLY A 132 14.36 23.60 12.37
CA GLY A 132 15.50 23.23 13.20
C GLY A 132 15.04 22.21 14.23
N LYS A 133 15.18 22.49 15.52
CA LYS A 133 14.87 21.51 16.57
C LYS A 133 13.63 21.95 17.38
N GLU A 134 12.98 23.04 16.99
CA GLU A 134 11.80 23.51 17.71
C GLU A 134 10.58 23.06 16.95
N HIS A 135 9.68 22.53 17.77
CA HIS A 135 8.38 22.09 17.30
C HIS A 135 7.54 23.35 17.11
N LEU A 136 7.18 23.71 15.91
CA LEU A 136 6.41 24.91 15.63
C LEU A 136 4.94 24.68 15.86
N ARG A 137 4.27 23.77 15.15
CA ARG A 137 2.82 23.61 15.27
C ARG A 137 2.34 22.18 14.94
N SER A 138 1.19 21.74 15.49
CA SER A 138 0.56 20.45 15.15
C SER A 138 -0.90 20.66 14.86
N LEU A 139 -1.47 19.97 13.89
CA LEU A 139 -2.88 20.12 13.60
C LEU A 139 -3.41 18.82 13.09
N ARG A 140 -4.58 18.42 13.57
CA ARG A 140 -5.15 17.19 13.05
C ARG A 140 -5.87 17.56 11.77
N GLN A 141 -5.14 17.99 10.75
CA GLN A 141 -5.70 18.40 9.48
C GLN A 141 -4.72 17.91 8.40
N LYS A 142 -5.17 17.78 7.16
CA LYS A 142 -4.26 17.45 6.05
C LYS A 142 -3.62 18.69 5.44
N THR A 143 -3.80 19.89 6.02
CA THR A 143 -3.28 21.15 5.52
C THR A 143 -3.02 22.02 6.71
N MET A 144 -1.86 22.61 6.88
CA MET A 144 -1.53 23.43 8.03
C MET A 144 -0.74 24.62 7.54
N SER A 145 -0.91 25.82 8.09
CA SER A 145 -0.20 27.01 7.65
C SER A 145 0.38 27.68 8.88
N TYR A 146 1.60 28.21 8.76
CA TYR A 146 2.34 28.85 9.84
C TYR A 146 3.01 30.05 9.23
N GLN A 147 2.94 31.20 9.88
CA GLN A 147 3.59 32.44 9.43
C GLN A 147 4.92 32.47 10.17
N TRP A 148 6.03 32.48 9.45
CA TRP A 148 7.32 32.43 10.12
C TRP A 148 7.83 33.74 10.78
N THR A 149 8.86 33.58 11.59
CA THR A 149 9.52 34.71 12.23
C THR A 149 10.93 34.84 11.72
N ASN A 150 11.63 33.74 11.53
CA ASN A 150 13.03 33.71 11.09
C ASN A 150 13.19 32.62 10.03
N LEU A 151 14.32 32.60 9.32
CA LEU A 151 14.63 31.60 8.34
C LEU A 151 16.03 31.02 8.51
N ARG A 152 16.51 30.94 9.73
CA ARG A 152 17.87 30.48 10.00
C ARG A 152 18.04 28.95 9.85
N ALA A 153 16.91 28.24 9.73
CA ALA A 153 16.87 26.77 9.63
C ALA A 153 15.78 26.39 8.63
N PRO A 154 15.89 25.20 8.03
CA PRO A 154 14.87 24.62 7.13
C PRO A 154 13.66 24.18 7.92
N PHE A 155 12.54 24.15 7.21
CA PHE A 155 11.31 23.63 7.80
C PHE A 155 11.15 22.15 7.52
N LYS A 156 10.56 21.48 8.47
CA LYS A 156 10.34 20.06 8.32
C LYS A 156 8.91 19.83 8.72
N CYS A 157 8.18 19.18 7.86
CA CYS A 157 6.76 18.94 8.07
C CYS A 157 6.64 17.45 8.08
N LYS A 158 5.97 16.91 9.06
CA LYS A 158 5.84 15.46 9.27
C LYS A 158 4.36 15.14 9.26
N ALA A 159 3.93 14.17 8.47
CA ALA A 159 2.54 13.70 8.44
C ALA A 159 2.61 12.33 9.12
N VAL A 160 1.74 12.11 10.09
CA VAL A 160 1.74 10.92 10.93
C VAL A 160 0.33 10.46 11.30
N ASN A 161 0.06 9.18 11.34
CA ASN A 161 -1.22 8.67 11.86
C ASN A 161 -0.89 7.34 12.52
N ARG A 162 -1.78 6.60 13.21
CA ARG A 162 -1.34 5.36 13.92
C ARG A 162 -0.63 4.29 13.10
N VAL A 163 -0.79 4.29 11.79
CA VAL A 163 -0.25 3.22 11.01
C VAL A 163 0.86 3.70 10.08
N SER A 164 1.14 5.02 9.95
CA SER A 164 2.24 5.48 9.11
C SER A 164 2.77 6.84 9.52
N GLN A 165 3.91 7.19 8.94
CA GLN A 165 4.54 8.48 9.12
C GLN A 165 5.39 8.81 7.88
N GLU A 166 5.46 10.06 7.46
CA GLU A 166 6.19 10.47 6.27
C GLU A 166 6.60 11.96 6.46
N SER A 167 7.85 12.36 6.22
CA SER A 167 8.33 13.74 6.47
C SER A 167 8.86 14.42 5.23
N GLU A 168 8.98 15.73 5.25
CA GLU A 168 9.61 16.49 4.17
C GLU A 168 10.31 17.70 4.80
N MET A 169 11.29 18.23 4.07
CA MET A 169 12.05 19.41 4.44
C MET A 169 12.11 20.38 3.27
N GLU A 170 12.08 21.71 3.43
CA GLU A 170 12.26 22.67 2.34
C GLU A 170 12.93 23.89 3.01
N VAL A 171 13.74 24.66 2.26
CA VAL A 171 14.31 25.91 2.75
C VAL A 171 13.59 27.02 2.02
N VAL A 172 12.98 27.88 2.83
CA VAL A 172 12.24 29.00 2.29
C VAL A 172 13.35 29.87 1.74
N ASN A 173 13.20 30.17 0.49
CA ASN A 173 14.21 30.86 -0.24
C ASN A 173 13.49 32.02 -0.90
N CYS A 174 13.29 33.13 -0.20
CA CYS A 174 12.58 34.23 -0.84
C CYS A 174 13.55 35.12 -1.59
N PRO A 175 13.18 35.68 -2.73
CA PRO A 175 13.87 36.85 -3.26
C PRO A 175 13.88 38.02 -2.28
N GLU A 176 15.05 38.63 -2.34
CA GLU A 176 15.36 39.93 -1.77
C GLU A 176 15.39 40.74 -3.08
N ASP B 2 -6.18 -17.77 -21.65
CA ASP B 2 -6.07 -16.65 -22.63
C ASP B 2 -5.20 -15.60 -21.90
N SER B 3 -4.69 -14.58 -22.60
CA SER B 3 -3.77 -13.55 -22.09
C SER B 3 -4.35 -12.22 -21.57
N GLY B 4 -3.97 -11.80 -20.35
CA GLY B 4 -4.30 -10.49 -19.78
C GLY B 4 -3.00 -9.75 -19.48
N THR B 5 -3.00 -8.50 -19.03
CA THR B 5 -1.76 -7.78 -18.74
C THR B 5 -1.70 -7.35 -17.29
N VAL B 6 -0.52 -7.49 -16.68
CA VAL B 6 -0.19 -7.15 -15.30
C VAL B 6 1.05 -6.24 -15.33
N TRP B 7 1.08 -5.21 -14.46
CA TRP B 7 2.18 -4.24 -14.40
C TRP B 7 2.83 -4.30 -13.04
N GLY B 8 4.13 -4.40 -12.96
CA GLY B 8 4.79 -4.50 -11.67
C GLY B 8 5.88 -3.47 -11.58
N ALA B 9 6.38 -3.21 -10.37
CA ALA B 9 7.43 -2.21 -10.16
C ALA B 9 8.73 -2.94 -9.91
N LEU B 10 9.80 -2.51 -10.58
CA LEU B 10 11.11 -3.11 -10.44
C LEU B 10 11.56 -3.13 -8.98
N GLY B 11 12.22 -4.18 -8.56
CA GLY B 11 12.56 -4.29 -7.15
C GLY B 11 11.36 -4.39 -6.22
N HIS B 12 10.11 -4.55 -6.61
CA HIS B 12 9.04 -4.79 -5.63
C HIS B 12 8.45 -6.14 -5.95
N GLY B 13 7.45 -6.55 -5.18
CA GLY B 13 6.79 -7.82 -5.40
C GLY B 13 5.55 -7.63 -6.21
N ILE B 14 5.02 -8.74 -6.66
CA ILE B 14 3.78 -8.76 -7.43
C ILE B 14 3.26 -10.18 -7.22
N ASN B 15 1.97 -10.27 -7.42
CA ASN B 15 1.28 -11.52 -7.20
C ASN B 15 0.54 -11.79 -8.49
N LEU B 16 0.91 -12.84 -9.22
CA LEU B 16 0.20 -13.18 -10.45
C LEU B 16 -0.92 -14.10 -10.00
N ASN B 17 -2.15 -13.61 -10.14
CA ASN B 17 -3.30 -14.42 -9.77
C ASN B 17 -4.05 -14.97 -10.95
N ILE B 18 -4.32 -16.25 -10.72
CA ILE B 18 -4.98 -17.14 -11.67
C ILE B 18 -6.40 -16.64 -11.97
N PRO B 19 -6.64 -16.32 -13.24
CA PRO B 19 -7.84 -15.61 -13.68
C PRO B 19 -9.05 -16.51 -13.46
N ASN B 20 -10.17 -15.83 -13.14
CA ASN B 20 -11.50 -16.39 -12.79
C ASN B 20 -11.50 -17.84 -12.32
N PHE B 21 -10.77 -17.97 -11.23
CA PHE B 21 -10.53 -19.26 -10.65
C PHE B 21 -10.99 -19.21 -9.22
N GLN B 22 -11.22 -20.39 -8.68
CA GLN B 22 -11.51 -20.63 -7.28
C GLN B 22 -10.80 -21.91 -7.00
N MET B 23 -10.09 -22.01 -5.89
CA MET B 23 -9.31 -23.19 -5.53
C MET B 23 -10.22 -24.27 -4.89
N THR B 24 -9.98 -25.59 -4.97
CA THR B 24 -10.79 -26.63 -4.28
C THR B 24 -10.05 -27.97 -4.13
N ASP B 25 -10.43 -28.79 -3.16
CA ASP B 25 -9.81 -30.10 -2.89
C ASP B 25 -9.65 -31.10 -4.05
N ASP B 26 -10.38 -30.91 -5.16
CA ASP B 26 -10.17 -31.78 -6.31
C ASP B 26 -9.01 -31.33 -7.20
N ILE B 27 -8.44 -30.13 -7.00
CA ILE B 27 -7.33 -29.62 -7.81
C ILE B 27 -6.00 -30.28 -7.43
N ASP B 28 -5.49 -31.11 -8.31
CA ASP B 28 -4.26 -31.83 -7.99
C ASP B 28 -3.00 -30.99 -8.30
N GLU B 29 -3.05 -30.16 -9.34
CA GLU B 29 -1.82 -29.51 -9.77
C GLU B 29 -2.06 -28.14 -10.38
N VAL B 30 -1.08 -27.26 -10.26
CA VAL B 30 -1.09 -25.95 -10.91
C VAL B 30 0.39 -25.65 -11.16
N ARG B 31 0.66 -25.28 -12.40
CA ARG B 31 2.04 -24.98 -12.76
C ARG B 31 2.04 -23.73 -13.61
N TRP B 32 3.14 -23.07 -13.31
CA TRP B 32 3.49 -21.75 -13.84
C TRP B 32 4.81 -21.86 -14.59
N GLU B 33 4.71 -21.45 -15.83
CA GLU B 33 5.87 -21.39 -16.70
C GLU B 33 6.00 -19.99 -17.21
N ARG B 34 7.15 -19.36 -17.15
CA ARG B 34 7.32 -18.05 -17.79
C ARG B 34 7.95 -18.52 -19.07
N GLY B 35 7.42 -18.05 -20.18
CA GLY B 35 7.87 -18.47 -21.50
C GLY B 35 7.83 -19.98 -21.49
N SER B 36 8.95 -20.62 -21.65
CA SER B 36 9.00 -22.07 -21.66
C SER B 36 9.93 -22.54 -20.54
N THR B 37 9.77 -21.93 -19.37
CA THR B 37 10.59 -22.32 -18.25
C THR B 37 9.63 -22.55 -17.08
N LEU B 38 9.68 -23.72 -16.47
CA LEU B 38 8.84 -23.93 -15.29
C LEU B 38 9.44 -23.04 -14.23
N VAL B 39 8.59 -22.23 -13.70
CA VAL B 39 9.00 -21.37 -12.61
C VAL B 39 8.51 -21.92 -11.28
N ALA B 40 7.32 -22.52 -11.21
CA ALA B 40 6.85 -23.06 -9.94
C ALA B 40 5.72 -23.97 -10.33
N GLU B 41 5.56 -24.97 -9.47
CA GLU B 41 4.58 -26.03 -9.64
C GLU B 41 4.22 -26.45 -8.24
N PHE B 42 2.92 -26.48 -8.10
CA PHE B 42 2.23 -26.89 -6.90
C PHE B 42 1.50 -28.22 -7.20
N LYS B 43 1.78 -29.29 -6.45
CA LYS B 43 1.03 -30.55 -6.59
C LYS B 43 0.49 -30.89 -5.20
N ARG B 44 -0.83 -30.88 -5.05
CA ARG B 44 -1.59 -31.08 -3.81
C ARG B 44 -0.95 -31.69 -2.54
N LYS B 45 -0.17 -32.74 -2.73
CA LYS B 45 0.47 -33.47 -1.64
C LYS B 45 1.95 -33.52 -2.01
N MET B 46 2.61 -32.44 -1.61
CA MET B 46 4.03 -32.22 -1.87
C MET B 46 4.33 -30.84 -1.24
N LYS B 47 5.62 -30.62 -0.96
CA LYS B 47 6.11 -29.29 -0.63
C LYS B 47 6.45 -28.80 -2.07
N PRO B 48 6.20 -27.54 -2.48
CA PRO B 48 6.14 -27.17 -3.92
C PRO B 48 7.51 -27.14 -4.61
N PHE B 49 7.48 -27.15 -5.94
CA PHE B 49 8.70 -26.96 -6.74
C PHE B 49 8.73 -25.46 -7.03
N LEU B 50 9.83 -24.82 -6.65
CA LEU B 50 10.07 -23.39 -6.93
C LEU B 50 11.40 -23.35 -7.69
N LYS B 51 11.51 -22.63 -8.83
CA LYS B 51 12.73 -22.50 -9.64
C LYS B 51 13.92 -21.98 -8.80
N SER B 52 13.57 -21.02 -7.93
CA SER B 52 14.50 -20.41 -6.98
C SER B 52 13.70 -19.82 -5.79
N GLY B 53 14.44 -19.15 -4.88
CA GLY B 53 13.85 -18.43 -3.75
C GLY B 53 13.02 -17.22 -4.19
N ALA B 54 13.13 -16.79 -5.47
CA ALA B 54 12.42 -15.63 -6.01
C ALA B 54 10.88 -15.72 -6.10
N PHE B 55 10.45 -16.96 -6.17
CA PHE B 55 9.04 -17.27 -6.40
C PHE B 55 8.57 -18.07 -5.20
N GLU B 56 7.26 -18.03 -5.04
CA GLU B 56 6.56 -18.70 -3.96
C GLU B 56 5.15 -18.90 -4.56
N ILE B 57 4.63 -20.07 -4.26
CA ILE B 57 3.35 -20.48 -4.81
C ILE B 57 2.42 -20.41 -3.59
N LEU B 58 1.38 -19.61 -3.78
CA LEU B 58 0.43 -19.33 -2.70
C LEU B 58 -0.65 -20.38 -2.58
N ALA B 59 -1.18 -20.41 -1.36
CA ALA B 59 -2.29 -21.26 -0.94
C ALA B 59 -3.32 -21.45 -2.06
N ASN B 60 -3.70 -20.39 -2.77
CA ASN B 60 -4.74 -20.51 -3.79
C ASN B 60 -4.20 -20.69 -5.21
N GLY B 61 -2.95 -21.10 -5.27
CA GLY B 61 -2.26 -21.25 -6.54
C GLY B 61 -1.73 -19.96 -7.17
N ASP B 62 -1.77 -18.76 -6.60
CA ASP B 62 -1.15 -17.60 -7.27
C ASP B 62 0.37 -17.66 -7.20
N LEU B 63 0.99 -17.14 -8.25
CA LEU B 63 2.44 -17.06 -8.28
C LEU B 63 2.77 -15.76 -7.54
N LYS B 64 3.68 -15.78 -6.57
CA LYS B 64 4.09 -14.58 -5.86
C LYS B 64 5.55 -14.40 -6.22
N ILE B 65 5.92 -13.36 -6.95
CA ILE B 65 7.33 -13.12 -7.28
C ILE B 65 7.70 -12.04 -6.27
N LYS B 66 8.82 -12.27 -5.59
CA LYS B 66 9.26 -11.42 -4.49
C LYS B 66 9.88 -10.05 -4.72
N ASN B 67 10.77 -9.96 -5.69
CA ASN B 67 11.54 -8.74 -5.92
C ASN B 67 11.79 -8.81 -7.40
N LEU B 68 11.00 -8.07 -8.14
CA LEU B 68 11.04 -8.11 -9.59
C LEU B 68 12.36 -7.61 -10.17
N THR B 69 12.69 -8.28 -11.25
CA THR B 69 13.94 -8.19 -11.98
C THR B 69 13.54 -8.07 -13.43
N ARG B 70 14.42 -7.52 -14.25
CA ARG B 70 14.10 -7.35 -15.67
C ARG B 70 14.00 -8.67 -16.44
N ASP B 71 14.46 -9.76 -15.82
CA ASP B 71 14.36 -11.08 -16.43
C ASP B 71 13.03 -11.69 -16.04
N ASP B 72 12.19 -11.03 -15.27
CA ASP B 72 10.97 -11.66 -14.87
C ASP B 72 9.81 -11.22 -15.71
N SER B 73 10.04 -10.38 -16.68
CA SER B 73 8.90 -9.92 -17.43
C SER B 73 8.67 -10.95 -18.53
N GLY B 74 7.54 -10.88 -19.21
CA GLY B 74 7.24 -11.82 -20.27
C GLY B 74 5.88 -12.45 -20.09
N THR B 75 5.62 -13.40 -20.96
CA THR B 75 4.39 -14.13 -20.94
C THR B 75 4.52 -15.33 -19.99
N TYR B 76 3.70 -15.30 -18.95
CA TYR B 76 3.59 -16.43 -18.02
C TYR B 76 2.46 -17.36 -18.45
N ASN B 77 2.42 -18.65 -18.10
CA ASN B 77 1.33 -19.58 -18.42
C ASN B 77 0.96 -20.35 -17.18
N VAL B 78 -0.32 -20.45 -16.91
CA VAL B 78 -0.82 -21.29 -15.82
C VAL B 78 -1.70 -22.35 -16.44
N THR B 79 -1.46 -23.55 -15.92
CA THR B 79 -2.23 -24.74 -16.29
C THR B 79 -2.47 -25.41 -14.96
N VAL B 80 -3.74 -25.70 -14.76
CA VAL B 80 -4.18 -26.34 -13.51
C VAL B 80 -5.02 -27.61 -13.85
N TYR B 81 -4.67 -28.67 -13.15
CA TYR B 81 -5.26 -30.01 -13.33
C TYR B 81 -5.97 -30.58 -12.12
N SER B 82 -7.13 -31.22 -12.34
CA SER B 82 -7.89 -31.90 -11.27
C SER B 82 -7.23 -33.22 -10.91
N THR B 83 -7.78 -33.92 -9.94
CA THR B 83 -7.25 -35.17 -9.40
C THR B 83 -7.30 -36.35 -10.36
N ASN B 84 -8.40 -36.38 -11.09
CA ASN B 84 -8.60 -37.31 -12.20
C ASN B 84 -7.77 -36.77 -13.38
N GLY B 85 -6.51 -36.38 -13.13
CA GLY B 85 -5.59 -35.70 -14.04
C GLY B 85 -6.15 -34.85 -15.17
N THR B 86 -7.25 -34.14 -15.09
CA THR B 86 -7.75 -33.41 -16.27
C THR B 86 -7.30 -31.95 -16.31
N ARG B 87 -6.91 -31.35 -17.43
CA ARG B 87 -6.56 -29.93 -17.46
C ARG B 87 -7.86 -29.12 -17.39
N ILE B 88 -8.02 -28.43 -16.27
CA ILE B 88 -9.15 -27.53 -15.96
C ILE B 88 -9.04 -26.21 -16.74
N LEU B 89 -7.82 -25.68 -16.72
CA LEU B 89 -7.54 -24.35 -17.26
C LEU B 89 -6.08 -24.23 -17.74
N ASN B 90 -6.01 -23.38 -18.75
CA ASN B 90 -4.74 -22.98 -19.34
C ASN B 90 -4.88 -21.50 -19.69
N LYS B 91 -4.31 -20.62 -18.90
CA LYS B 91 -4.39 -19.18 -19.18
C LYS B 91 -2.96 -18.65 -19.23
N ALA B 92 -2.91 -17.47 -19.89
CA ALA B 92 -1.68 -16.71 -20.23
C ALA B 92 -1.71 -15.26 -19.70
N LEU B 93 -0.65 -14.69 -19.15
CA LEU B 93 -0.63 -13.32 -18.61
C LEU B 93 0.65 -12.70 -19.11
N ASP B 94 0.56 -11.43 -19.31
CA ASP B 94 1.67 -10.66 -19.73
C ASP B 94 2.14 -9.83 -18.57
N LEU B 95 3.32 -10.09 -18.04
CA LEU B 95 3.94 -9.28 -16.99
C LEU B 95 4.81 -8.19 -17.66
N ARG B 96 4.51 -6.93 -17.45
CA ARG B 96 5.35 -5.84 -17.96
C ARG B 96 5.84 -5.15 -16.67
N ILE B 97 7.13 -4.80 -16.53
CA ILE B 97 7.55 -4.17 -15.28
C ILE B 97 8.06 -2.74 -15.60
N LEU B 98 7.84 -1.80 -14.71
CA LEU B 98 8.18 -0.38 -14.88
C LEU B 98 9.00 0.06 -13.66
N GLU B 99 9.61 1.24 -13.75
CA GLU B 99 10.32 1.82 -12.62
C GLU B 99 9.45 2.90 -12.04
N MET B 100 9.51 3.00 -10.73
CA MET B 100 8.74 3.98 -9.98
C MET B 100 9.35 5.36 -10.14
N VAL B 101 8.42 6.24 -10.08
CA VAL B 101 8.59 7.65 -10.19
C VAL B 101 9.23 8.21 -8.91
N SER B 102 10.00 9.30 -8.95
CA SER B 102 10.51 9.99 -7.77
C SER B 102 9.66 11.27 -7.54
N LYS B 103 9.86 12.13 -6.52
CA LYS B 103 9.01 13.30 -6.32
C LYS B 103 9.43 14.33 -7.36
N PRO B 104 8.49 15.00 -8.04
CA PRO B 104 8.82 16.03 -9.04
C PRO B 104 9.48 17.28 -8.43
N MET B 105 10.26 18.02 -9.22
CA MET B 105 10.86 19.33 -8.86
C MET B 105 10.10 20.39 -9.62
N ILE B 106 9.77 21.50 -8.98
CA ILE B 106 9.13 22.59 -9.69
C ILE B 106 10.06 23.78 -9.53
N TYR B 107 10.43 24.46 -10.58
CA TYR B 107 11.23 25.68 -10.47
C TYR B 107 10.69 26.60 -11.56
N TRP B 108 11.04 27.89 -11.50
CA TRP B 108 10.44 28.91 -12.39
C TRP B 108 11.37 30.04 -12.82
N GLU B 109 11.06 30.75 -13.87
CA GLU B 109 11.85 31.87 -14.31
C GLU B 109 10.89 33.02 -14.55
N CYS B 110 11.00 33.94 -13.59
CA CYS B 110 10.18 35.16 -13.67
C CYS B 110 10.28 35.96 -14.96
N SER B 111 11.44 36.28 -15.54
CA SER B 111 11.53 37.07 -16.76
C SER B 111 10.65 36.54 -17.87
N ASN B 112 10.73 35.26 -18.26
CA ASN B 112 9.86 34.74 -19.31
C ASN B 112 8.56 34.17 -18.69
N ALA B 113 8.31 34.32 -17.40
CA ALA B 113 7.11 33.80 -16.73
C ALA B 113 6.87 32.33 -17.11
N THR B 114 7.92 31.52 -16.97
CA THR B 114 7.83 30.09 -17.32
C THR B 114 8.18 29.24 -16.11
N LEU B 115 7.37 28.20 -15.89
CA LEU B 115 7.52 27.26 -14.79
C LEU B 115 7.90 25.97 -15.48
N THR B 116 8.76 25.21 -14.84
CA THR B 116 9.20 23.91 -15.33
C THR B 116 8.98 22.94 -14.20
N CYS B 117 8.49 21.76 -14.54
CA CYS B 117 8.32 20.67 -13.63
C CYS B 117 9.17 19.59 -14.26
N GLU B 118 9.85 18.87 -13.41
CA GLU B 118 10.81 17.88 -13.86
C GLU B 118 10.86 16.71 -12.91
N VAL B 119 11.17 15.50 -13.35
CA VAL B 119 11.28 14.36 -12.46
C VAL B 119 12.54 13.61 -12.93
N LEU B 120 13.22 12.99 -11.96
CA LEU B 120 14.42 12.22 -12.22
C LEU B 120 14.19 10.75 -12.40
N GLU B 121 13.43 10.11 -11.53
CA GLU B 121 13.16 8.70 -11.64
C GLU B 121 11.91 8.31 -12.37
N GLY B 122 11.92 7.08 -12.92
CA GLY B 122 10.71 6.46 -13.39
C GLY B 122 10.72 6.10 -14.84
N THR B 123 9.74 5.37 -15.33
CA THR B 123 9.65 4.90 -16.72
C THR B 123 8.20 5.08 -17.19
N ASP B 124 7.94 5.47 -18.43
CA ASP B 124 6.58 5.66 -18.96
C ASP B 124 5.80 6.60 -18.02
N VAL B 125 6.51 7.67 -17.79
CA VAL B 125 6.09 8.70 -16.86
C VAL B 125 5.17 9.66 -17.58
N GLU B 126 4.10 10.11 -16.96
CA GLU B 126 3.34 11.21 -17.47
C GLU B 126 3.46 12.25 -16.35
N LEU B 127 3.61 13.50 -16.72
CA LEU B 127 3.76 14.63 -15.83
C LEU B 127 2.51 15.47 -16.05
N LYS B 128 1.81 15.80 -14.97
CA LYS B 128 0.52 16.50 -14.96
C LYS B 128 0.62 17.81 -14.22
N LEU B 129 0.23 18.98 -14.74
CA LEU B 129 0.24 20.25 -13.99
C LEU B 129 -1.15 20.78 -13.71
N TYR B 130 -1.34 21.24 -12.50
CA TYR B 130 -2.61 21.81 -12.09
C TYR B 130 -2.25 23.11 -11.36
N GLN B 131 -3.11 24.11 -11.41
CA GLN B 131 -2.95 25.32 -10.64
C GLN B 131 -4.32 25.45 -9.97
N GLY B 132 -4.37 25.40 -8.63
CA GLY B 132 -5.65 25.43 -7.96
C GLY B 132 -6.50 24.22 -8.36
N LYS B 133 -7.57 24.31 -9.13
CA LYS B 133 -8.39 23.14 -9.43
C LYS B 133 -8.49 23.00 -10.94
N GLU B 134 -7.66 23.68 -11.70
CA GLU B 134 -7.76 23.51 -13.14
C GLU B 134 -6.57 22.68 -13.52
N HIS B 135 -6.81 21.75 -14.42
CA HIS B 135 -5.72 20.95 -14.92
C HIS B 135 -5.20 21.82 -16.07
N LEU B 136 -3.92 22.15 -16.01
CA LEU B 136 -3.25 22.99 -16.98
C LEU B 136 -2.69 22.14 -18.09
N ARG B 137 -1.87 21.13 -17.89
CA ARG B 137 -1.21 20.43 -19.00
C ARG B 137 -0.72 19.03 -18.59
N SER B 138 -0.64 18.07 -19.51
CA SER B 138 -0.08 16.75 -19.25
C SER B 138 0.86 16.42 -20.38
N LEU B 139 1.92 15.69 -20.10
CA LEU B 139 2.87 15.31 -21.14
C LEU B 139 3.54 14.04 -20.67
N ARG B 140 3.82 13.14 -21.60
CA ARG B 140 4.54 11.90 -21.31
C ARG B 140 6.02 12.19 -21.47
N GLN B 141 6.57 13.03 -20.63
CA GLN B 141 7.95 13.48 -20.70
C GLN B 141 8.41 13.63 -19.27
N LYS B 142 9.68 13.51 -18.96
CA LYS B 142 10.12 13.72 -17.61
C LYS B 142 10.39 15.19 -17.31
N THR B 143 10.15 16.10 -18.24
CA THR B 143 10.37 17.53 -18.02
C THR B 143 9.27 18.24 -18.78
N MET B 144 8.66 19.26 -18.22
CA MET B 144 7.54 19.95 -18.81
C MET B 144 7.62 21.42 -18.44
N SER B 145 7.37 22.35 -19.34
CA SER B 145 7.38 23.78 -19.04
C SER B 145 6.09 24.44 -19.45
N TYR B 146 5.56 25.35 -18.66
CA TYR B 146 4.31 25.99 -18.93
C TYR B 146 4.57 27.43 -18.63
N GLN B 147 4.00 28.29 -19.45
CA GLN B 147 4.08 29.74 -19.27
C GLN B 147 2.80 30.24 -18.58
N TRP B 148 2.83 30.72 -17.35
CA TRP B 148 1.63 31.06 -16.58
C TRP B 148 0.86 32.30 -17.00
N THR B 149 -0.37 32.43 -16.52
CA THR B 149 -1.21 33.59 -16.83
C THR B 149 -1.60 34.28 -15.55
N ASN B 150 -1.68 33.54 -14.48
CA ASN B 150 -2.03 34.17 -13.24
C ASN B 150 -1.27 33.41 -12.17
N LEU B 151 -1.17 34.04 -11.01
CA LEU B 151 -0.50 33.43 -9.87
C LEU B 151 -1.38 33.41 -8.64
N ARG B 152 -2.68 33.31 -8.86
CA ARG B 152 -3.65 33.34 -7.76
C ARG B 152 -3.65 32.08 -6.92
N ALA B 153 -3.05 31.00 -7.37
CA ALA B 153 -3.03 29.74 -6.63
C ALA B 153 -1.70 29.06 -6.85
N PRO B 154 -1.29 28.19 -5.91
CA PRO B 154 -0.18 27.23 -6.06
C PRO B 154 -0.31 26.38 -7.29
N PHE B 155 0.85 25.92 -7.71
CA PHE B 155 0.94 24.93 -8.78
C PHE B 155 1.22 23.61 -8.13
N LYS B 156 0.62 22.58 -8.72
CA LYS B 156 0.77 21.19 -8.30
C LYS B 156 1.29 20.41 -9.52
N CYS B 157 2.32 19.61 -9.38
CA CYS B 157 2.88 18.83 -10.48
C CYS B 157 2.84 17.44 -9.95
N LYS B 158 2.28 16.54 -10.72
CA LYS B 158 2.07 15.15 -10.33
C LYS B 158 2.76 14.35 -11.40
N ALA B 159 3.53 13.39 -10.95
CA ALA B 159 4.31 12.51 -11.82
C ALA B 159 3.64 11.16 -11.55
N VAL B 160 3.29 10.48 -12.61
CA VAL B 160 2.55 9.24 -12.50
C VAL B 160 2.86 8.21 -13.58
N ASN B 161 2.82 6.93 -13.24
CA ASN B 161 2.88 5.87 -14.23
C ASN B 161 2.01 4.72 -13.71
N ARG B 162 1.91 3.56 -14.35
CA ARG B 162 0.94 2.54 -13.91
C ARG B 162 1.20 2.05 -12.51
N VAL B 163 2.41 2.18 -12.10
CA VAL B 163 2.79 1.58 -10.87
C VAL B 163 3.09 2.63 -9.78
N SER B 164 3.09 3.93 -9.98
CA SER B 164 3.40 4.89 -8.92
C SER B 164 2.85 6.25 -9.26
N GLN B 165 2.89 7.09 -8.24
CA GLN B 165 2.38 8.44 -8.32
C GLN B 165 3.08 9.19 -7.21
N GLU B 166 3.50 10.42 -7.46
CA GLU B 166 4.16 11.29 -6.50
C GLU B 166 3.91 12.73 -6.91
N SER B 167 3.66 13.67 -6.01
CA SER B 167 3.29 15.05 -6.35
C SER B 167 4.09 16.14 -5.64
N GLU B 168 4.09 17.37 -6.17
CA GLU B 168 4.74 18.49 -5.54
C GLU B 168 3.98 19.75 -5.79
N MET B 169 4.12 20.68 -4.86
CA MET B 169 3.48 21.98 -4.91
C MET B 169 4.50 23.09 -4.65
N GLU B 170 4.37 24.22 -5.34
CA GLU B 170 5.22 25.40 -5.13
C GLU B 170 4.40 26.64 -5.47
N VAL B 171 4.67 27.79 -4.83
CA VAL B 171 4.04 29.03 -5.29
C VAL B 171 5.19 29.81 -5.92
N VAL B 172 4.85 30.34 -7.09
CA VAL B 172 5.81 31.08 -7.86
C VAL B 172 5.84 32.38 -7.10
N ASN B 173 7.03 32.70 -6.67
CA ASN B 173 7.12 33.81 -5.78
C ASN B 173 8.15 34.75 -6.40
N CYS B 174 7.72 35.55 -7.37
CA CYS B 174 8.64 36.46 -8.06
C CYS B 174 8.93 37.82 -7.41
N PRO B 175 10.19 38.33 -7.39
CA PRO B 175 10.46 39.78 -7.21
C PRO B 175 9.56 40.61 -8.14
N GLU B 176 8.87 41.60 -7.59
CA GLU B 176 7.94 42.47 -8.33
C GLU B 176 8.32 43.95 -8.23
#